data_9UBS
#
_entry.id   9UBS
#
_cell.length_a   47.974
_cell.length_b   72.394
_cell.length_c   75.197
_cell.angle_alpha   90.00
_cell.angle_beta   90.00
_cell.angle_gamma   90.00
#
_symmetry.space_group_name_H-M   'P 21 21 21'
#
loop_
_entity.id
_entity.type
_entity.pdbx_description
1 polymer 'YqcI/YcgG family protein AglA'
2 non-polymer ARGININE
3 non-polymer 'PROTOPORPHYRIN IX CONTAINING FE'
4 water water
#
_entity_poly.entity_id   1
_entity_poly.type   'polypeptide(L)'
_entity_poly.pdbx_seq_one_letter_code
;MESYLWRDSEVSRSGSGDEPFGWVPEAHSVFTERILAEEPPYPCYFGTQGQQRGNNSFSAVDTRYPDTHGPAALARSLRA
YRQRAWQGPKRQTLIVFVGPAVPGAELADDHRRFWTLLDELRAYDTEPWPADVPADPSDPRWQWCFDGEPWFIFAASPAY
KDRRSRDLGPCLTLVFQVRRVFEGIGGSTVAGKAAKRRVREGLARYDRIGPHPTLGDGDTSTDFKWRQYTLPDDDSVAAP
DACPVRHHAAAPVLPERNAVDGSALPQPHERQRP
;
_entity_poly.pdbx_strand_id   A
#
loop_
_chem_comp.id
_chem_comp.type
_chem_comp.name
_chem_comp.formula
HEM non-polymer 'PROTOPORPHYRIN IX CONTAINING FE' 'C34 H32 Fe N4 O4'
#
# COMPACT_ATOMS: atom_id res chain seq x y z
N GLU A 2 -18.04 -11.58 8.63
CA GLU A 2 -18.44 -10.99 7.36
C GLU A 2 -17.53 -9.83 6.99
N SER A 3 -16.94 -9.16 7.99
CA SER A 3 -15.96 -8.10 7.75
C SER A 3 -14.57 -8.71 7.64
N TYR A 4 -13.84 -8.31 6.60
CA TYR A 4 -12.44 -8.71 6.45
C TYR A 4 -11.49 -7.58 6.79
N LEU A 5 -11.90 -6.67 7.66
CA LEU A 5 -11.03 -5.62 8.14
C LEU A 5 -10.58 -5.99 9.55
N TRP A 6 -9.26 -6.14 9.75
CA TRP A 6 -8.71 -6.69 10.97
C TRP A 6 -7.73 -5.75 11.63
N ARG A 7 -7.84 -5.58 12.95
CA ARG A 7 -6.71 -5.07 13.72
C ARG A 7 -5.74 -6.22 13.98
N ASP A 8 -4.55 -5.88 14.49
CA ASP A 8 -3.53 -6.91 14.72
C ASP A 8 -4.12 -8.11 15.44
N SER A 9 -4.86 -7.85 16.51
CA SER A 9 -5.35 -8.93 17.36
C SER A 9 -6.41 -9.79 16.69
N GLU A 10 -7.01 -9.32 15.59
CA GLU A 10 -8.05 -10.03 14.86
C GLU A 10 -7.54 -10.81 13.67
N VAL A 11 -6.30 -10.60 13.25
CA VAL A 11 -5.84 -11.24 12.02
C VAL A 11 -5.84 -12.76 12.14
N SER A 12 -5.58 -13.30 13.32
CA SER A 12 -5.50 -14.76 13.42
C SER A 12 -6.82 -15.43 13.06
N ARG A 13 -7.93 -14.72 13.16
CA ARG A 13 -9.22 -15.32 12.85
C ARG A 13 -9.56 -15.24 11.36
N SER A 14 -8.64 -14.72 10.53
CA SER A 14 -8.88 -14.64 9.10
C SER A 14 -9.04 -16.01 8.48
N GLY A 15 -8.19 -16.96 8.86
CA GLY A 15 -8.25 -18.32 8.33
C GLY A 15 -7.18 -19.15 9.01
N SER A 16 -7.37 -20.47 8.95
CA SER A 16 -6.51 -21.43 9.64
C SER A 16 -6.38 -22.67 8.78
N GLY A 17 -5.14 -23.04 8.43
CA GLY A 17 -4.94 -24.19 7.57
C GLY A 17 -5.25 -23.83 6.12
N ASP A 18 -5.56 -24.84 5.31
CA ASP A 18 -5.89 -24.57 3.90
C ASP A 18 -7.37 -24.19 3.77
N GLU A 19 -7.66 -22.96 4.19
CA GLU A 19 -8.92 -22.26 4.12
C GLU A 19 -8.68 -20.97 3.36
N PRO A 20 -9.72 -20.30 2.88
CA PRO A 20 -9.53 -18.93 2.38
C PRO A 20 -8.80 -18.12 3.46
N PHE A 21 -7.82 -17.33 3.04
CA PHE A 21 -7.02 -16.52 3.96
C PHE A 21 -6.16 -17.34 4.93
N GLY A 22 -6.03 -18.66 4.74
CA GLY A 22 -5.24 -19.44 5.71
C GLY A 22 -3.78 -19.03 5.76
N TRP A 23 -3.31 -18.40 4.68
CA TRP A 23 -1.95 -17.91 4.52
C TRP A 23 -1.78 -16.49 5.06
N VAL A 24 -2.85 -15.85 5.52
CA VAL A 24 -2.79 -14.46 5.96
C VAL A 24 -2.05 -14.30 7.29
N PRO A 25 -2.30 -15.14 8.30
CA PRO A 25 -1.58 -14.91 9.57
C PRO A 25 -0.09 -14.91 9.41
N GLU A 26 0.47 -15.82 8.60
CA GLU A 26 1.91 -15.82 8.41
C GLU A 26 2.36 -14.58 7.65
N ALA A 27 1.59 -14.16 6.65
CA ALA A 27 1.95 -12.93 5.94
C ALA A 27 1.95 -11.74 6.89
N HIS A 28 0.98 -11.70 7.81
CA HIS A 28 0.95 -10.64 8.80
C HIS A 28 2.19 -10.65 9.67
N SER A 29 2.61 -11.84 10.13
CA SER A 29 3.80 -11.92 10.97
C SER A 29 5.05 -11.50 10.20
N VAL A 30 5.17 -11.94 8.94
CA VAL A 30 6.33 -11.54 8.14
C VAL A 30 6.37 -10.04 7.97
N PHE A 31 5.22 -9.43 7.68
CA PHE A 31 5.14 -7.98 7.55
C PHE A 31 5.56 -7.29 8.83
N THR A 32 5.04 -7.72 9.99
CA THR A 32 5.39 -7.02 11.21
C THR A 32 6.86 -7.20 11.54
N GLU A 33 7.42 -8.40 11.28
CA GLU A 33 8.85 -8.59 11.48
C GLU A 33 9.67 -7.61 10.64
N ARG A 34 9.28 -7.38 9.38
CA ARG A 34 10.03 -6.47 8.53
C ARG A 34 9.99 -5.05 9.07
N ILE A 35 8.79 -4.58 9.42
CA ILE A 35 8.53 -3.21 9.82
C ILE A 35 9.12 -2.90 11.20
N LEU A 36 9.23 -3.91 12.06
CA LEU A 36 9.69 -3.72 13.43
C LEU A 36 11.16 -4.11 13.62
N ALA A 37 11.86 -4.51 12.56
CA ALA A 37 13.24 -4.98 12.68
C ALA A 37 14.13 -3.91 13.31
N GLU A 38 15.06 -4.36 14.15
CA GLU A 38 15.89 -3.43 14.92
C GLU A 38 17.03 -2.85 14.08
N GLU A 39 17.73 -3.70 13.32
CA GLU A 39 18.99 -3.30 12.69
C GLU A 39 19.20 -4.03 11.38
N PRO A 40 19.28 -3.31 10.25
CA PRO A 40 19.00 -1.88 10.11
C PRO A 40 17.50 -1.65 10.30
N PRO A 41 17.09 -0.51 10.83
CA PRO A 41 15.65 -0.25 10.98
C PRO A 41 14.96 -0.18 9.62
N TYR A 42 13.68 -0.51 9.63
CA TYR A 42 12.89 -0.30 8.43
C TYR A 42 12.95 1.18 8.05
N PRO A 43 13.10 1.53 6.77
CA PRO A 43 13.39 2.94 6.44
C PRO A 43 12.26 3.89 6.82
N CYS A 44 11.00 3.49 6.66
CA CYS A 44 9.89 4.40 6.95
C CYS A 44 9.52 4.27 8.41
N TYR A 45 10.02 5.20 9.21
CA TYR A 45 9.74 5.15 10.63
C TYR A 45 8.28 5.43 10.91
N PHE A 46 7.56 6.10 10.01
CA PHE A 46 6.13 6.29 10.23
C PHE A 46 5.42 4.95 10.23
N GLY A 47 5.79 4.08 9.30
CA GLY A 47 5.19 2.75 9.29
C GLY A 47 5.53 1.94 10.53
N THR A 48 6.79 1.99 10.97
CA THR A 48 7.19 1.31 12.19
C THR A 48 6.40 1.84 13.38
N GLN A 49 6.32 3.18 13.50
CA GLN A 49 5.59 3.78 14.61
C GLN A 49 4.11 3.42 14.57
N GLY A 50 3.52 3.43 13.37
CA GLY A 50 2.12 3.02 13.24
C GLY A 50 1.90 1.60 13.71
N GLN A 51 2.83 0.71 13.40
CA GLN A 51 2.73 -0.67 13.87
C GLN A 51 2.85 -0.73 15.38
N GLN A 52 3.86 -0.06 15.94
CA GLN A 52 4.10 -0.05 17.38
C GLN A 52 2.91 0.51 18.15
N ARG A 53 2.18 1.45 17.57
CA ARG A 53 1.11 2.17 18.24
C ARG A 53 -0.26 1.56 18.02
N GLY A 54 -0.32 0.43 17.31
CA GLY A 54 -1.59 -0.21 17.07
C GLY A 54 -2.45 0.49 16.06
N ASN A 55 -1.85 1.25 15.15
CA ASN A 55 -2.61 2.05 14.19
C ASN A 55 -2.65 1.45 12.80
N ASN A 56 -2.14 0.24 12.60
CA ASN A 56 -2.24 -0.44 11.31
C ASN A 56 -3.41 -1.40 11.31
N SER A 57 -4.16 -1.41 10.21
CA SER A 57 -5.26 -2.34 10.01
C SER A 57 -4.93 -3.17 8.78
N PHE A 58 -5.62 -4.32 8.65
CA PHE A 58 -5.24 -5.29 7.63
C PHE A 58 -6.47 -5.83 6.91
N SER A 59 -6.26 -6.23 5.66
CA SER A 59 -7.26 -7.01 4.95
C SER A 59 -6.53 -7.93 3.99
N ALA A 60 -7.28 -8.59 3.13
CA ALA A 60 -6.66 -9.54 2.21
C ALA A 60 -7.60 -9.80 1.04
N VAL A 61 -6.98 -10.30 -0.04
CA VAL A 61 -7.67 -10.86 -1.19
C VAL A 61 -7.11 -12.25 -1.40
N ASP A 62 -7.99 -13.24 -1.54
CA ASP A 62 -7.57 -14.61 -1.84
C ASP A 62 -7.91 -14.89 -3.29
N THR A 63 -6.87 -14.99 -4.13
CA THR A 63 -7.07 -15.09 -5.58
C THR A 63 -7.72 -16.41 -5.98
N ARG A 64 -7.78 -17.37 -5.07
CA ARG A 64 -8.45 -18.63 -5.37
C ARG A 64 -9.96 -18.50 -5.30
N TYR A 65 -10.46 -17.45 -4.64
CA TYR A 65 -11.88 -17.30 -4.34
C TYR A 65 -12.31 -15.89 -4.69
N PRO A 66 -12.17 -15.49 -5.96
CA PRO A 66 -12.38 -14.09 -6.31
C PRO A 66 -13.79 -13.58 -6.06
N ASP A 67 -14.80 -14.45 -6.11
CA ASP A 67 -16.18 -13.99 -5.96
C ASP A 67 -16.57 -13.74 -4.52
N THR A 68 -15.85 -14.33 -3.56
CA THR A 68 -16.19 -14.24 -2.15
C THR A 68 -15.11 -13.58 -1.31
N HIS A 69 -13.85 -13.62 -1.75
CA HIS A 69 -12.71 -13.11 -1.02
C HIS A 69 -11.88 -12.20 -1.91
N GLY A 70 -12.57 -11.46 -2.76
CA GLY A 70 -11.92 -10.71 -3.81
C GLY A 70 -12.26 -9.24 -3.77
N PRO A 71 -12.42 -8.63 -4.95
CA PRO A 71 -12.60 -7.18 -4.99
C PRO A 71 -13.90 -6.71 -4.36
N ALA A 72 -14.99 -7.46 -4.48
CA ALA A 72 -16.22 -6.97 -3.87
C ALA A 72 -16.07 -6.86 -2.36
N ALA A 73 -15.49 -7.88 -1.72
CA ALA A 73 -15.26 -7.82 -0.28
C ALA A 73 -14.24 -6.75 0.08
N LEU A 74 -13.19 -6.59 -0.74
CA LEU A 74 -12.20 -5.56 -0.45
C LEU A 74 -12.80 -4.16 -0.53
N ALA A 75 -13.76 -3.94 -1.45
CA ALA A 75 -14.43 -2.65 -1.48
C ALA A 75 -15.16 -2.38 -0.17
N ARG A 76 -15.82 -3.41 0.39
CA ARG A 76 -16.46 -3.23 1.69
C ARG A 76 -15.42 -2.94 2.77
N SER A 77 -14.32 -3.70 2.78
CA SER A 77 -13.25 -3.50 3.74
C SER A 77 -12.67 -2.07 3.64
N LEU A 78 -12.49 -1.58 2.41
CA LEU A 78 -11.98 -0.22 2.21
C LEU A 78 -12.95 0.83 2.71
N ARG A 79 -14.25 0.66 2.47
CA ARG A 79 -15.20 1.62 3.01
C ARG A 79 -15.14 1.64 4.53
N ALA A 80 -15.03 0.46 5.14
CA ALA A 80 -14.96 0.42 6.60
C ALA A 80 -13.67 1.03 7.08
N TYR A 81 -12.57 0.73 6.38
CA TYR A 81 -11.28 1.31 6.76
C TYR A 81 -11.32 2.83 6.64
N ARG A 82 -11.92 3.35 5.56
CA ARG A 82 -11.92 4.79 5.39
C ARG A 82 -12.60 5.48 6.56
N GLN A 83 -13.71 4.92 7.04
CA GLN A 83 -14.36 5.47 8.22
C GLN A 83 -13.41 5.45 9.41
N ARG A 84 -12.76 4.31 9.64
CA ARG A 84 -11.84 4.18 10.75
C ARG A 84 -10.69 5.17 10.62
N ALA A 85 -10.20 5.39 9.40
CA ALA A 85 -9.02 6.23 9.18
C ALA A 85 -9.27 7.69 9.50
N TRP A 86 -10.53 8.14 9.48
CA TRP A 86 -10.86 9.51 9.81
C TRP A 86 -11.31 9.69 11.25
N GLN A 87 -11.62 8.60 11.95
CA GLN A 87 -12.07 8.68 13.33
C GLN A 87 -10.93 8.45 14.30
N GLY A 88 -9.98 7.60 13.92
CA GLY A 88 -8.90 7.28 14.78
C GLY A 88 -7.78 8.30 14.77
N PRO A 89 -6.65 7.84 15.24
CA PRO A 89 -5.40 8.58 15.06
C PRO A 89 -5.21 9.03 13.62
N LYS A 90 -4.49 10.14 13.46
CA LYS A 90 -4.20 10.69 12.15
C LYS A 90 -3.47 9.68 11.26
N ARG A 91 -2.44 9.02 11.80
CA ARG A 91 -1.51 8.24 10.99
C ARG A 91 -1.87 6.75 11.10
N GLN A 92 -2.79 6.31 10.28
CA GLN A 92 -3.16 4.92 10.19
C GLN A 92 -2.87 4.44 8.78
N THR A 93 -2.68 3.13 8.63
CA THR A 93 -2.44 2.53 7.33
C THR A 93 -3.24 1.23 7.26
N LEU A 94 -3.79 0.95 6.07
CA LEU A 94 -4.40 -0.34 5.77
C LEU A 94 -3.44 -1.13 4.89
N ILE A 95 -3.08 -2.32 5.32
CA ILE A 95 -2.18 -3.20 4.58
C ILE A 95 -2.99 -4.40 4.09
N VAL A 96 -3.02 -4.62 2.78
CA VAL A 96 -3.85 -5.65 2.17
C VAL A 96 -2.96 -6.68 1.49
N PHE A 97 -3.00 -7.92 1.97
CA PHE A 97 -2.20 -8.98 1.38
C PHE A 97 -2.98 -9.66 0.28
N VAL A 98 -2.36 -9.85 -0.89
CA VAL A 98 -2.99 -10.52 -2.02
C VAL A 98 -2.27 -11.85 -2.18
N GLY A 99 -2.98 -12.95 -1.91
CA GLY A 99 -2.35 -14.25 -1.90
C GLY A 99 -3.32 -15.30 -2.38
N PRO A 100 -2.92 -16.58 -2.35
CA PRO A 100 -1.64 -17.09 -1.82
C PRO A 100 -0.44 -16.61 -2.61
N ALA A 101 0.74 -16.68 -1.99
CA ALA A 101 1.97 -16.29 -2.65
C ALA A 101 2.17 -17.08 -3.95
N VAL A 102 2.78 -16.43 -4.93
CA VAL A 102 3.02 -17.02 -6.25
C VAL A 102 4.52 -17.26 -6.44
N PRO A 103 5.01 -18.48 -6.26
CA PRO A 103 6.44 -18.74 -6.47
C PRO A 103 6.89 -18.28 -7.85
N GLY A 104 7.98 -17.52 -7.88
CA GLY A 104 8.61 -17.14 -9.12
C GLY A 104 8.00 -15.97 -9.86
N ALA A 105 6.98 -15.33 -9.32
CA ALA A 105 6.40 -14.17 -9.98
C ALA A 105 7.44 -13.08 -10.17
N GLU A 106 7.37 -12.41 -11.32
CA GLU A 106 8.23 -11.28 -11.59
C GLU A 106 7.58 -10.00 -11.08
N LEU A 107 8.39 -8.96 -10.91
CA LEU A 107 7.83 -7.70 -10.43
C LEU A 107 6.74 -7.17 -11.36
N ALA A 108 6.96 -7.25 -12.68
CA ALA A 108 5.97 -6.75 -13.62
C ALA A 108 4.65 -7.51 -13.48
N ASP A 109 4.70 -8.79 -13.12
CA ASP A 109 3.48 -9.57 -12.92
C ASP A 109 2.71 -9.04 -11.72
N ASP A 110 3.41 -8.77 -10.62
CA ASP A 110 2.75 -8.26 -9.43
C ASP A 110 2.18 -6.87 -9.67
N HIS A 111 2.90 -6.04 -10.44
CA HIS A 111 2.39 -4.71 -10.77
C HIS A 111 1.15 -4.78 -11.64
N ARG A 112 1.14 -5.70 -12.62
CA ARG A 112 -0.06 -5.91 -13.42
C ARG A 112 -1.23 -6.30 -12.54
N ARG A 113 -1.00 -7.22 -11.59
CA ARG A 113 -2.08 -7.63 -10.71
C ARG A 113 -2.57 -6.45 -9.87
N PHE A 114 -1.65 -5.62 -9.41
CA PHE A 114 -2.02 -4.41 -8.66
C PHE A 114 -2.96 -3.52 -9.47
N TRP A 115 -2.61 -3.19 -10.71
CA TRP A 115 -3.47 -2.27 -11.44
C TRP A 115 -4.81 -2.91 -11.76
N THR A 116 -4.81 -4.22 -12.05
CA THR A 116 -6.05 -4.93 -12.29
C THR A 116 -6.97 -4.84 -11.07
N LEU A 117 -6.41 -5.05 -9.88
CA LEU A 117 -7.22 -4.96 -8.67
C LEU A 117 -7.78 -3.56 -8.47
N LEU A 118 -6.97 -2.53 -8.69
CA LEU A 118 -7.51 -1.18 -8.60
C LEU A 118 -8.65 -1.00 -9.60
N ASP A 119 -8.50 -1.53 -10.81
CA ASP A 119 -9.56 -1.40 -11.81
C ASP A 119 -10.82 -2.13 -11.38
N GLU A 120 -10.69 -3.35 -10.85
CA GLU A 120 -11.87 -4.08 -10.41
C GLU A 120 -12.57 -3.36 -9.27
N LEU A 121 -11.81 -2.67 -8.39
CA LEU A 121 -12.43 -1.95 -7.27
C LEU A 121 -13.33 -0.83 -7.75
N ARG A 122 -13.00 -0.22 -8.89
CA ARG A 122 -13.80 0.92 -9.37
C ARG A 122 -15.26 0.55 -9.52
N ALA A 123 -15.54 -0.67 -10.00
CA ALA A 123 -16.92 -1.07 -10.22
C ALA A 123 -17.71 -1.17 -8.93
N TYR A 124 -17.02 -1.33 -7.80
CA TYR A 124 -17.68 -1.52 -6.52
C TYR A 124 -17.73 -0.24 -5.69
N ASP A 125 -17.22 0.87 -6.23
CA ASP A 125 -17.27 2.15 -5.52
C ASP A 125 -18.70 2.67 -5.54
N THR A 126 -19.24 2.98 -4.37
CA THR A 126 -20.60 3.49 -4.26
C THR A 126 -20.65 5.01 -4.21
N GLU A 127 -19.50 5.69 -4.36
CA GLU A 127 -19.51 7.16 -4.36
C GLU A 127 -18.99 7.68 -5.68
N PRO A 128 -19.47 8.86 -6.10
CA PRO A 128 -18.92 9.47 -7.31
C PRO A 128 -17.44 9.81 -7.13
N TRP A 129 -16.77 9.94 -8.26
CA TRP A 129 -15.38 10.36 -8.24
C TRP A 129 -15.26 11.80 -7.73
N PRO A 130 -14.26 12.09 -6.89
CA PRO A 130 -14.19 13.42 -6.25
C PRO A 130 -13.99 14.53 -7.28
N ALA A 131 -14.64 15.68 -7.04
CA ALA A 131 -14.58 16.78 -7.99
C ALA A 131 -13.21 17.44 -8.03
N ASP A 132 -12.42 17.34 -6.98
CA ASP A 132 -11.14 18.02 -6.93
C ASP A 132 -10.02 17.24 -7.60
N VAL A 133 -10.24 15.99 -8.01
CA VAL A 133 -9.22 15.16 -8.61
C VAL A 133 -9.64 14.84 -10.04
N PRO A 134 -8.83 15.14 -11.04
CA PRO A 134 -9.21 14.79 -12.42
C PRO A 134 -9.37 13.29 -12.55
N ALA A 135 -10.40 12.87 -13.28
CA ALA A 135 -10.66 11.44 -13.44
C ALA A 135 -9.83 10.82 -14.55
N ASP A 136 -9.21 11.64 -15.41
CA ASP A 136 -8.40 11.12 -16.52
C ASP A 136 -7.01 10.73 -15.99
N PRO A 137 -6.63 9.46 -16.06
CA PRO A 137 -5.33 9.04 -15.48
C PRO A 137 -4.12 9.58 -16.21
N SER A 138 -4.29 10.21 -17.37
CA SER A 138 -3.20 10.92 -18.02
C SER A 138 -3.03 12.33 -17.49
N ASP A 139 -3.94 12.82 -16.65
CA ASP A 139 -3.79 14.16 -16.13
C ASP A 139 -2.65 14.19 -15.10
N PRO A 140 -1.80 15.22 -15.14
CA PRO A 140 -0.73 15.30 -14.14
C PRO A 140 -1.22 15.23 -12.70
N ARG A 141 -2.48 15.62 -12.44
CA ARG A 141 -3.00 15.66 -11.08
C ARG A 141 -3.87 14.46 -10.74
N TRP A 142 -3.96 13.45 -11.62
CA TRP A 142 -4.71 12.25 -11.27
C TRP A 142 -4.13 11.59 -10.02
N GLN A 143 -5.04 11.10 -9.18
CA GLN A 143 -4.68 10.16 -8.12
C GLN A 143 -5.80 9.14 -8.07
N TRP A 144 -5.50 7.95 -7.54
CA TRP A 144 -6.54 6.95 -7.39
C TRP A 144 -7.52 7.36 -6.29
N CYS A 145 -8.80 7.27 -6.59
CA CYS A 145 -9.84 7.69 -5.65
C CYS A 145 -10.80 6.55 -5.43
N PHE A 146 -11.40 6.55 -4.24
CA PHE A 146 -12.37 5.52 -3.89
C PHE A 146 -13.18 6.03 -2.71
N ASP A 147 -14.48 5.80 -2.73
CA ASP A 147 -15.36 6.15 -1.62
C ASP A 147 -15.31 7.63 -1.31
N GLY A 148 -15.12 8.43 -2.36
CA GLY A 148 -15.28 9.86 -2.25
C GLY A 148 -14.01 10.67 -2.03
N GLU A 149 -12.83 10.05 -2.04
CA GLU A 149 -11.64 10.85 -1.78
C GLU A 149 -10.44 10.16 -2.42
N PRO A 150 -9.37 10.92 -2.69
CA PRO A 150 -8.11 10.32 -3.15
C PRO A 150 -7.38 9.61 -2.02
N TRP A 151 -6.59 8.61 -2.39
CA TRP A 151 -5.81 7.83 -1.45
C TRP A 151 -4.36 7.88 -1.88
N PHE A 152 -3.46 7.66 -0.93
CA PHE A 152 -2.11 7.27 -1.32
C PHE A 152 -2.03 5.76 -1.22
N ILE A 153 -1.45 5.15 -2.25
CA ILE A 153 -1.45 3.69 -2.37
C ILE A 153 -0.10 3.32 -2.96
N PHE A 154 0.46 2.21 -2.50
CA PHE A 154 1.59 1.67 -3.23
C PHE A 154 1.58 0.15 -3.15
N ALA A 155 2.29 -0.46 -4.10
CA ALA A 155 2.41 -1.90 -4.22
C ALA A 155 3.76 -2.35 -3.67
N ALA A 156 3.72 -3.33 -2.79
CA ALA A 156 4.90 -4.02 -2.31
C ALA A 156 4.89 -5.44 -2.88
N SER A 157 6.08 -6.03 -3.02
CA SER A 157 6.19 -7.32 -3.68
C SER A 157 7.49 -7.97 -3.27
N PRO A 158 7.52 -9.29 -3.12
CA PRO A 158 8.80 -9.97 -2.88
C PRO A 158 9.76 -9.88 -4.06
N ALA A 159 9.29 -9.44 -5.23
CA ALA A 159 10.15 -9.31 -6.39
C ALA A 159 10.98 -8.04 -6.36
N TYR A 160 10.79 -7.17 -5.37
CA TYR A 160 11.68 -6.02 -5.19
C TYR A 160 12.98 -6.49 -4.55
N LYS A 161 13.96 -6.80 -5.39
CA LYS A 161 15.23 -7.32 -4.89
C LYS A 161 16.18 -6.21 -4.44
N ASP A 162 16.23 -5.10 -5.18
CA ASP A 162 17.12 -3.99 -4.83
C ASP A 162 16.41 -2.97 -3.94
N ARG A 163 15.17 -2.64 -4.26
CA ARG A 163 14.37 -1.74 -3.42
C ARG A 163 13.71 -2.56 -2.32
N ARG A 164 14.56 -3.12 -1.45
CA ARG A 164 14.14 -4.07 -0.43
C ARG A 164 13.08 -3.50 0.50
N SER A 165 13.09 -2.19 0.71
CA SER A 165 12.07 -1.53 1.51
C SER A 165 10.66 -1.82 1.01
N ARG A 166 10.49 -2.16 -0.26
CA ARG A 166 9.16 -2.50 -0.77
C ARG A 166 8.91 -4.00 -0.82
N ASP A 167 9.78 -4.81 -0.23
CA ASP A 167 9.54 -6.24 -0.09
C ASP A 167 9.03 -6.42 1.32
N LEU A 168 7.72 -6.63 1.46
CA LEU A 168 7.09 -6.73 2.77
C LEU A 168 6.72 -8.15 3.12
N GLY A 169 7.17 -9.10 2.30
CA GLY A 169 6.88 -10.50 2.52
C GLY A 169 6.53 -11.19 1.22
N PRO A 170 5.99 -12.40 1.32
CA PRO A 170 5.88 -13.26 0.13
C PRO A 170 4.74 -12.91 -0.82
N CYS A 171 3.86 -11.98 -0.46
CA CYS A 171 2.71 -11.67 -1.31
C CYS A 171 2.80 -10.27 -1.87
N LEU A 172 2.20 -10.05 -3.04
CA LEU A 172 1.82 -8.70 -3.43
C LEU A 172 1.03 -8.09 -2.29
N THR A 173 1.44 -6.91 -1.85
CA THR A 173 0.83 -6.29 -0.68
C THR A 173 0.50 -4.85 -1.06
N LEU A 174 -0.75 -4.43 -0.86
CA LEU A 174 -1.18 -3.07 -1.15
C LEU A 174 -1.23 -2.27 0.14
N VAL A 175 -0.65 -1.08 0.12
CA VAL A 175 -0.59 -0.23 1.30
C VAL A 175 -1.40 1.02 1.03
N PHE A 176 -2.49 1.20 1.76
CA PHE A 176 -3.43 2.29 1.52
C PHE A 176 -3.43 3.28 2.69
N GLN A 177 -3.48 4.57 2.37
CA GLN A 177 -3.70 5.61 3.38
C GLN A 177 -4.63 6.67 2.82
N VAL A 178 -5.47 7.24 3.69
CA VAL A 178 -6.12 8.49 3.32
C VAL A 178 -5.14 9.63 3.47
N ARG A 179 -5.44 10.75 2.83
CA ARG A 179 -4.45 11.82 2.77
C ARG A 179 -4.27 12.53 4.11
N ARG A 180 -5.15 12.25 5.07
CA ARG A 180 -5.03 12.81 6.41
C ARG A 180 -3.69 12.49 7.03
N VAL A 181 -3.07 11.37 6.62
CA VAL A 181 -1.83 10.95 7.26
C VAL A 181 -0.72 11.95 7.02
N PHE A 182 -0.82 12.77 5.98
CA PHE A 182 0.26 13.68 5.66
C PHE A 182 0.03 15.04 6.27
N GLU A 183 -1.00 15.21 7.07
CA GLU A 183 -1.27 16.53 7.65
C GLU A 183 -0.18 16.85 8.66
N GLY A 184 0.56 17.92 8.42
CA GLY A 184 1.69 18.29 9.25
C GLY A 184 3.03 18.00 8.62
N ILE A 185 3.07 17.22 7.54
CA ILE A 185 4.34 16.95 6.87
C ILE A 185 4.25 17.20 5.38
N GLY A 186 3.35 18.08 4.96
CA GLY A 186 3.47 18.65 3.62
C GLY A 186 4.90 18.93 3.16
N GLY A 187 5.14 18.82 1.84
CA GLY A 187 6.50 18.93 1.32
C GLY A 187 7.17 20.28 1.56
N SER A 188 6.39 21.37 1.59
CA SER A 188 6.94 22.68 1.88
C SER A 188 7.34 22.83 3.34
N THR A 189 6.83 21.96 4.20
CA THR A 189 6.91 22.19 5.62
C THR A 189 8.29 21.81 6.14
N VAL A 190 8.69 22.51 7.20
CA VAL A 190 9.91 22.15 7.94
C VAL A 190 9.84 20.68 8.38
N ALA A 191 8.71 20.26 8.92
CA ALA A 191 8.62 18.90 9.41
C ALA A 191 8.67 17.89 8.26
N GLY A 192 8.07 18.24 7.12
CA GLY A 192 8.09 17.34 5.99
C GLY A 192 9.49 17.17 5.42
N LYS A 193 10.27 18.24 5.41
CA LYS A 193 11.64 18.11 4.94
C LYS A 193 12.47 17.25 5.88
N ALA A 194 12.24 17.38 7.18
CA ALA A 194 12.93 16.52 8.13
C ALA A 194 12.49 15.07 7.96
N ALA A 195 11.20 14.85 7.69
CA ALA A 195 10.70 13.49 7.50
C ALA A 195 11.38 12.83 6.31
N LYS A 196 11.46 13.54 5.19
CA LYS A 196 12.10 12.98 4.01
C LYS A 196 13.57 12.69 4.28
N ARG A 197 14.27 13.59 4.99
CA ARG A 197 15.66 13.32 5.34
C ARG A 197 15.78 12.01 6.10
N ARG A 198 14.92 11.82 7.09
CA ARG A 198 15.09 10.66 7.95
C ARG A 198 14.79 9.39 7.17
N VAL A 199 13.73 9.40 6.36
CA VAL A 199 13.39 8.20 5.61
C VAL A 199 14.48 7.90 4.60
N ARG A 200 14.94 8.91 3.89
CA ARG A 200 15.95 8.68 2.85
C ARG A 200 17.28 8.23 3.44
N GLU A 201 17.65 8.71 4.63
CA GLU A 201 18.82 8.18 5.32
C GLU A 201 18.62 6.70 5.63
N GLY A 202 17.42 6.34 6.08
CA GLY A 202 17.14 4.95 6.36
C GLY A 202 17.18 4.09 5.11
N LEU A 203 16.71 4.63 3.99
CA LEU A 203 16.79 3.89 2.73
C LEU A 203 18.25 3.57 2.38
N ALA A 204 19.18 4.48 2.67
CA ALA A 204 20.61 4.32 2.36
C ALA A 204 21.34 3.37 3.33
N ARG A 205 20.61 2.81 4.28
CA ARG A 205 21.16 1.76 5.12
C ARG A 205 20.45 0.44 4.88
N TYR A 206 19.49 0.42 3.98
CA TYR A 206 18.58 -0.71 3.85
C TYR A 206 18.49 -1.22 2.41
N ASP A 207 18.45 -0.34 1.44
CA ASP A 207 18.17 -0.73 0.06
C ASP A 207 19.46 -0.81 -0.77
N ARG A 208 19.39 -1.60 -1.85
CA ARG A 208 20.51 -1.71 -2.78
C ARG A 208 20.47 -0.65 -3.87
N ILE A 209 19.39 0.11 -3.95
CA ILE A 209 19.23 1.21 -4.90
C ILE A 209 18.66 2.38 -4.11
N GLY A 210 19.05 3.60 -4.50
CA GLY A 210 18.66 4.77 -3.77
C GLY A 210 17.23 5.19 -4.06
N PRO A 211 16.80 6.27 -3.40
CA PRO A 211 15.43 6.77 -3.60
C PRO A 211 15.12 6.99 -5.08
N HIS A 212 13.93 6.59 -5.46
CA HIS A 212 13.58 6.73 -6.87
C HIS A 212 13.39 8.20 -7.25
N PRO A 213 13.83 8.60 -8.45
CA PRO A 213 13.72 10.01 -8.85
C PRO A 213 12.30 10.54 -8.83
N THR A 214 11.29 9.68 -9.03
CA THR A 214 9.91 10.14 -9.04
C THR A 214 9.40 10.49 -7.65
N LEU A 215 10.14 10.12 -6.61
CA LEU A 215 9.70 10.51 -5.27
C LEU A 215 9.83 12.00 -5.06
N GLY A 216 10.62 12.67 -5.90
CA GLY A 216 10.73 14.10 -5.84
C GLY A 216 12.11 14.54 -5.38
N ASP A 217 12.33 15.84 -5.53
CA ASP A 217 13.65 16.40 -5.34
C ASP A 217 13.55 17.73 -4.61
N THR A 222 5.00 17.68 -7.53
CA THR A 222 5.09 16.25 -7.78
C THR A 222 3.91 15.74 -8.61
N ASP A 223 3.93 16.03 -9.90
CA ASP A 223 2.91 15.54 -10.81
C ASP A 223 3.02 14.02 -10.96
N PHE A 224 2.00 13.44 -11.59
CA PHE A 224 2.04 12.02 -11.99
C PHE A 224 2.37 11.11 -10.81
N LYS A 225 1.58 11.25 -9.74
CA LYS A 225 1.79 10.43 -8.56
C LYS A 225 1.67 8.94 -8.87
N TRP A 226 0.92 8.58 -9.92
CA TRP A 226 0.73 7.16 -10.22
C TRP A 226 2.06 6.44 -10.33
N ARG A 227 3.11 7.12 -10.77
CA ARG A 227 4.39 6.42 -10.95
C ARG A 227 4.96 5.97 -9.62
N GLN A 228 4.61 6.63 -8.53
CA GLN A 228 5.08 6.19 -7.22
C GLN A 228 4.32 4.97 -6.74
N TYR A 229 3.13 4.70 -7.28
CA TYR A 229 2.40 3.54 -6.78
C TYR A 229 3.16 2.25 -7.06
N THR A 230 3.77 2.16 -8.26
CA THR A 230 4.48 0.96 -8.69
C THR A 230 5.91 1.34 -9.11
N LEU A 231 6.73 1.72 -8.14
CA LEU A 231 8.12 2.03 -8.46
C LEU A 231 8.78 0.81 -9.10
N PRO A 232 9.67 1.00 -10.06
CA PRO A 232 10.47 -0.12 -10.56
C PRO A 232 11.58 -0.42 -9.56
N ASP A 233 12.29 -1.52 -9.81
CA ASP A 233 13.39 -1.92 -8.96
C ASP A 233 14.71 -1.25 -9.35
N ASP A 234 14.68 -0.35 -10.33
CA ASP A 234 15.88 0.33 -10.82
C ASP A 234 15.55 1.81 -10.95
N ASP A 235 16.39 2.56 -11.68
CA ASP A 235 16.18 3.99 -11.87
C ASP A 235 15.37 4.32 -13.13
N SER A 236 14.66 3.35 -13.71
CA SER A 236 13.85 3.65 -14.88
C SER A 236 12.71 4.58 -14.50
N VAL A 237 12.26 5.39 -15.46
CA VAL A 237 11.20 6.36 -15.23
C VAL A 237 10.15 6.16 -16.31
N ALA A 238 8.94 5.77 -15.89
CA ALA A 238 7.87 5.50 -16.84
C ALA A 238 7.40 6.77 -17.53
N ALA A 239 6.80 6.59 -18.70
CA ALA A 239 6.25 7.73 -19.41
C ALA A 239 5.07 8.29 -18.61
N PRO A 240 4.99 9.61 -18.46
CA PRO A 240 3.94 10.19 -17.59
C PRO A 240 2.53 9.82 -18.00
N ASP A 241 2.23 9.74 -19.29
CA ASP A 241 0.87 9.46 -19.74
C ASP A 241 0.57 7.95 -19.83
N ALA A 242 1.42 7.11 -19.26
CA ALA A 242 1.31 5.67 -19.45
C ALA A 242 0.72 4.94 -18.25
N CYS A 243 0.00 5.62 -17.37
CA CYS A 243 -0.62 4.90 -16.27
C CYS A 243 -1.51 3.77 -16.80
N PRO A 244 -1.37 2.55 -16.28
CA PRO A 244 -2.15 1.41 -16.82
C PRO A 244 -3.64 1.44 -16.51
N VAL A 245 -4.11 2.25 -15.56
CA VAL A 245 -5.54 2.18 -15.22
C VAL A 245 -6.41 2.48 -16.44
N ARG B . 2.61 12.84 0.56
CA ARG B . 3.26 12.21 -0.58
C ARG B . 2.41 12.36 -1.84
O ARG B . 2.90 12.17 -2.97
CB ARG B . 3.52 10.73 -0.30
CG ARG B . 4.50 10.46 0.86
CD ARG B . 4.97 9.01 0.86
NE ARG B . 5.54 8.62 -0.42
CZ ARG B . 5.92 7.39 -0.74
NH1 ARG B . 5.76 6.38 0.11
NH2 ARG B . 6.46 7.16 -1.93
OXT ARG B . 1.21 12.67 -1.75
H1 ARG B . 2.49 13.69 0.47
H2 ARG B . 3.12 12.69 1.36
H3 ARG B . 1.72 12.46 0.66
HA ARG B . 4.12 12.65 -0.73
HB2 ARG B . 2.69 10.30 -0.08
HB3 ARG B . 3.91 10.33 -1.10
HG2 ARG B . 5.28 11.04 0.76
HG3 ARG B . 4.06 10.64 1.70
HD2 ARG B . 4.21 8.43 1.04
HD3 ARG B . 5.65 8.89 1.54
HE ARG B . 5.64 9.23 -1.02
HH11 ARG B . 5.41 6.52 0.88
HH12 ARG B . 6.01 5.58 -0.12
HH21 ARG B . 6.57 7.80 -2.48
HH22 ARG B . 6.71 6.36 -2.15
CHA HEM C . 8.47 6.70 2.49
CHB HEM C . 6.55 2.35 3.50
CHC HEM C . 3.41 4.44 6.56
CHD HEM C . 5.13 8.81 5.30
C1A HEM C . 8.23 5.35 2.51
C2A HEM C . 8.90 4.37 1.70
C3A HEM C . 8.37 3.18 1.97
C4A HEM C . 7.33 3.35 2.96
CMA HEM C . 8.80 1.84 1.34
CAA HEM C . 10.04 4.70 0.70
CBA HEM C . 9.48 5.29 -0.60
CGA HEM C . 8.57 4.34 -1.33
O1A HEM C . 8.96 3.18 -1.58
O2A HEM C . 7.42 4.74 -1.69
C1B HEM C . 5.58 2.54 4.44
C2B HEM C . 4.83 1.50 5.08
C3B HEM C . 3.96 2.08 5.93
C4B HEM C . 4.13 3.50 5.86
CMB HEM C . 5.03 0.00 4.79
CAB HEM C . 2.94 1.45 6.87
CBB HEM C . 2.93 0.14 7.18
C1C HEM C . 3.56 5.81 6.44
C2C HEM C . 2.76 6.82 7.08
C3C HEM C . 3.21 8.02 6.71
C4C HEM C . 4.36 7.82 5.86
CMC HEM C . 1.54 6.51 7.96
CAC HEM C . 2.70 9.42 7.14
CBC HEM C . 2.22 9.61 8.38
C1D HEM C . 6.21 8.62 4.48
C2D HEM C . 7.11 9.63 3.99
C3D HEM C . 8.04 9.06 3.20
C4D HEM C . 7.77 7.65 3.17
CMD HEM C . 6.97 11.13 4.32
CAD HEM C . 9.23 9.70 2.46
CBD HEM C . 8.86 10.09 1.04
CGD HEM C . 10.03 10.75 0.37
O1D HEM C . 9.78 11.33 -0.70
O2D HEM C . 11.16 10.70 0.93
NA HEM C . 7.27 4.70 3.25
NB HEM C . 5.13 3.75 4.94
NC HEM C . 4.55 6.45 5.70
ND HEM C . 6.64 7.42 3.95
FE HEM C . 6.02 5.56 4.60
HHB HEM C . 6.71 1.43 3.19
HHC HEM C . 2.73 4.12 7.20
HHD HEM C . 4.89 9.73 5.52
HMA HEM C . 9.50 1.42 1.89
HMAA HEM C . 9.16 2.01 0.45
HMAB HEM C . 8.03 1.25 1.28
HAA HEM C . 10.53 3.89 0.50
HAAA HEM C . 10.64 5.34 1.11
HBA HEM C . 10.22 5.51 -1.18
HBAA HEM C . 8.98 6.09 -0.39
HMB HEM C . 5.64 -0.11 4.05
HMBA HEM C . 4.18 -0.41 4.57
HMBB HEM C . 5.40 -0.44 5.58
HAB HEM C . 2.27 2.01 7.26
HBB HEM C . 2.27 -0.20 7.79
HBBA HEM C . 3.60 -0.45 6.81
HMC HEM C . 1.31 5.57 7.88
HMCA HEM C . 0.78 7.05 7.68
HMCB HEM C . 1.75 6.70 8.89
HAC HEM C . 2.73 10.17 6.53
HBC HEM C . 2.19 8.87 9.00
HBCA HEM C . 1.91 10.49 8.65
HMD HEM C . 6.43 11.23 5.15
HMDA HEM C . 6.53 11.59 3.59
HMDB HEM C . 7.86 11.52 4.47
HAD HEM C . 9.50 10.50 2.95
HADA HEM C . 9.96 9.08 2.45
HBD HEM C . 8.62 9.29 0.55
HBDA HEM C . 8.11 10.70 1.07
HHA HEM C . 9.23 7.00 1.94
#